data_4XES
#
_entry.id   4XES
#
_cell.length_a   49.840
_cell.length_b   88.440
_cell.length_c   161.330
_cell.angle_alpha   90.00
_cell.angle_beta   90.00
_cell.angle_gamma   90.00
#
_symmetry.space_group_name_H-M   'P 21 2 21'
#
loop_
_entity.id
_entity.type
_entity.pdbx_description
1 polymer 'Neurotensin receptor type 1, Endolysin chimera'
2 polymer 'Neurotensin/neuromedin N'
3 non-polymer 'CITRIC ACID'
4 non-polymer DI(HYDROXYETHYL)ETHER
5 non-polymer GLYCEROL
6 non-polymer '4-(2-HYDROXYETHYL)-1-PIPERAZINE ETHANESULFONIC ACID'
7 water water
#
loop_
_entity_poly.entity_id
_entity_poly.type
_entity_poly.pdbx_seq_one_letter_code
_entity_poly.pdbx_strand_id
1 'polypeptide(L)'
;DYKDDDDATSTSESDTAGPNSDLDVNTDIYSKVLVTAIYLALFVVGTVGNSVTLFTLARKKSLQSLQSTVHYHLGSLALS
DLLILLLAMPVELYNFIWVHHPWAFGDAGCRGYYFLRDACTYATALNVASLSVARYLAICHPFKAKTLMSRSRTKKFISA
IWLASALLAIPMLFTMGLQNRSADGTHPGGLVCTPIVDTATVKVVIQVNTFMSFLFPMLVISILNTVIANKLTVMVHQAA
EQGRVCTVGTHNGLEHSTFNMTIEPGRVQALRHGVLVLRAVVIAFVVCWLPYHVRRLMFCYISDEQWTTFLFDFYHYFYM
LTNALFYASSAINPILYNLVSANFRQVFLSTLACLCPGWRHRRKAHHHHHHHHHHGGNIFEMLRIDEGLRLKIYKDTEGY
YTIGIGHLLTKSPSLNAAKSELDKAIGRNTNGVITKDEAEKLFNQDVDAAVRGILRNAKLKPVYDSLDAVRRAALINMVF
QMGETGVAGFTNSLRMLNNKRWDEAAVNLAKSRWYNQTPNRAKRVITTFRTGTWDAYGSGS
;
A
2 'polypeptide(L)' RRPYIL B
#
# COMPACT_ATOMS: atom_id res chain seq x y z
N ALA A 17 -21.87 22.93 -41.85
CA ALA A 17 -20.47 22.87 -42.37
C ALA A 17 -19.83 24.27 -42.51
N GLY A 18 -19.16 24.69 -41.44
CA GLY A 18 -18.42 25.96 -41.40
C GLY A 18 -16.93 25.71 -41.21
N PRO A 19 -16.17 26.78 -40.88
CA PRO A 19 -14.71 26.63 -40.82
C PRO A 19 -14.22 25.82 -39.62
N ASN A 20 -15.06 25.65 -38.60
CA ASN A 20 -14.74 24.80 -37.44
C ASN A 20 -15.65 23.58 -37.36
N SER A 21 -16.13 23.11 -38.51
CA SER A 21 -16.98 21.93 -38.55
C SER A 21 -16.20 20.65 -38.26
N ASP A 22 -14.89 20.68 -38.49
CA ASP A 22 -14.04 19.53 -38.28
C ASP A 22 -13.67 19.30 -36.83
N LEU A 23 -13.65 20.37 -36.04
CA LEU A 23 -13.30 20.27 -34.63
C LEU A 23 -14.43 19.62 -33.84
N ASP A 24 -15.64 19.66 -34.38
CA ASP A 24 -16.82 19.04 -33.75
C ASP A 24 -16.60 17.59 -33.33
N VAL A 25 -16.87 17.29 -32.06
CA VAL A 25 -16.87 15.94 -31.54
C VAL A 25 -18.34 15.48 -31.46
N ASN A 26 -18.56 14.24 -31.83
CA ASN A 26 -19.88 13.67 -31.91
C ASN A 26 -20.15 12.64 -30.83
N THR A 27 -20.41 13.11 -29.62
CA THR A 27 -20.84 12.28 -28.51
C THR A 27 -22.32 12.59 -28.24
N ASP A 28 -23.16 11.57 -28.20
CA ASP A 28 -24.60 11.76 -27.97
C ASP A 28 -24.91 12.44 -26.63
N ILE A 29 -26.05 13.11 -26.57
CA ILE A 29 -26.47 13.80 -25.35
C ILE A 29 -26.64 12.84 -24.16
N TYR A 30 -27.10 11.64 -24.40
CA TYR A 30 -27.20 10.68 -23.35
C TYR A 30 -25.88 10.54 -22.61
N SER A 31 -24.89 10.05 -23.31
CA SER A 31 -23.57 9.78 -22.72
C SER A 31 -23.02 10.98 -21.97
N LYS A 32 -23.15 12.14 -22.58
CA LYS A 32 -22.55 13.30 -22.01
C LYS A 32 -23.12 13.59 -20.65
N VAL A 33 -24.39 13.31 -20.46
CA VAL A 33 -25.00 13.56 -19.17
C VAL A 33 -24.66 12.46 -18.19
N LEU A 34 -24.90 11.23 -18.58
CA LEU A 34 -24.54 10.08 -17.77
C LEU A 34 -23.13 10.24 -17.26
N VAL A 35 -22.29 10.86 -18.06
CA VAL A 35 -20.92 11.04 -17.63
C VAL A 35 -20.80 12.23 -16.67
N THR A 36 -21.57 13.28 -16.93
CA THR A 36 -21.60 14.45 -16.05
C THR A 36 -22.08 14.05 -14.64
N ALA A 37 -23.23 13.36 -14.59
CA ALA A 37 -23.80 12.87 -13.34
C ALA A 37 -22.80 12.01 -12.56
N ILE A 38 -22.16 11.07 -13.26
CA ILE A 38 -21.08 10.28 -12.67
C ILE A 38 -19.97 11.17 -12.14
N TYR A 39 -19.46 12.05 -12.99
CA TYR A 39 -18.37 12.94 -12.59
C TYR A 39 -18.77 13.72 -11.34
N LEU A 40 -19.89 14.43 -11.41
CA LEU A 40 -20.38 15.20 -10.26
C LEU A 40 -20.58 14.35 -8.98
N ALA A 41 -20.95 13.08 -9.12
CA ALA A 41 -21.01 12.20 -7.95
C ALA A 41 -19.61 11.97 -7.36
N LEU A 42 -18.65 11.63 -8.21
CA LEU A 42 -17.26 11.50 -7.78
C LEU A 42 -16.74 12.80 -7.16
N PHE A 43 -17.19 13.95 -7.65
CA PHE A 43 -16.72 15.24 -7.16
C PHE A 43 -17.14 15.55 -5.72
N VAL A 44 -18.36 15.15 -5.36
CA VAL A 44 -18.85 15.34 -4.00
C VAL A 44 -18.18 14.32 -3.09
N VAL A 45 -18.28 13.04 -3.45
CA VAL A 45 -17.76 11.94 -2.64
C VAL A 45 -16.28 12.14 -2.37
N GLY A 46 -15.54 12.42 -3.45
CA GLY A 46 -14.11 12.61 -3.38
C GLY A 46 -13.66 13.85 -2.64
N THR A 47 -14.33 14.99 -2.82
CA THR A 47 -13.88 16.21 -2.16
C THR A 47 -14.19 16.18 -0.67
N VAL A 48 -15.32 15.60 -0.32
CA VAL A 48 -15.67 15.35 1.08
C VAL A 48 -14.67 14.41 1.72
N GLY A 49 -14.57 13.21 1.15
CA GLY A 49 -13.70 12.15 1.67
C GLY A 49 -12.30 12.61 1.98
N ASN A 50 -11.69 13.31 1.03
CA ASN A 50 -10.32 13.81 1.19
C ASN A 50 -10.22 14.93 2.23
N SER A 51 -11.30 15.70 2.39
CA SER A 51 -11.31 16.81 3.34
C SER A 51 -11.47 16.29 4.75
N VAL A 52 -12.56 15.56 4.97
CA VAL A 52 -12.78 14.77 6.17
C VAL A 52 -11.51 14.05 6.60
N THR A 53 -10.83 13.44 5.66
CA THR A 53 -9.57 12.77 5.95
C THR A 53 -8.57 13.75 6.52
N LEU A 54 -8.36 14.89 5.86
CA LEU A 54 -7.44 15.90 6.38
C LEU A 54 -7.81 16.36 7.78
N PHE A 55 -9.10 16.65 7.97
CA PHE A 55 -9.65 17.02 9.27
C PHE A 55 -9.40 15.93 10.32
N THR A 56 -9.64 14.68 9.92
CA THR A 56 -9.56 13.54 10.83
C THR A 56 -8.12 13.17 11.19
N LEU A 57 -7.18 13.38 10.27
CA LEU A 57 -5.77 13.09 10.56
C LEU A 57 -5.10 14.19 11.37
N ALA A 58 -5.70 15.39 11.38
CA ALA A 58 -5.11 16.50 12.12
C ALA A 58 -5.35 16.30 13.62
N ARG A 59 -6.53 15.89 13.98
CA ARG A 59 -6.82 15.80 15.38
C ARG A 59 -6.41 14.50 16.03
N LYS A 60 -6.05 13.51 15.24
CA LYS A 60 -5.61 12.28 15.82
C LYS A 60 -4.47 12.56 16.77
N LYS A 61 -3.38 13.09 16.27
CA LYS A 61 -2.23 13.32 17.14
C LYS A 61 -1.80 12.07 17.86
N SER A 62 -1.25 11.14 17.11
CA SER A 62 -0.59 9.96 17.70
C SER A 62 0.74 10.26 18.39
N LEU A 63 1.19 9.31 19.21
CA LEU A 63 2.44 9.41 19.96
C LEU A 63 3.60 8.71 19.25
N GLN A 64 3.35 7.47 18.79
CA GLN A 64 4.37 6.69 18.07
C GLN A 64 4.84 7.39 16.79
N SER A 65 6.15 7.33 16.52
CA SER A 65 6.76 8.01 15.36
C SER A 65 6.59 7.21 14.06
N LEU A 66 6.38 5.90 14.18
CA LEU A 66 6.11 5.06 13.03
C LEU A 66 4.68 5.26 12.54
N GLN A 67 3.73 5.37 13.44
CA GLN A 67 2.36 5.53 12.99
C GLN A 67 2.06 6.93 12.54
N SER A 68 2.82 7.89 13.02
CA SER A 68 2.64 9.28 12.59
C SER A 68 3.25 9.57 11.22
N THR A 69 4.36 8.92 10.88
CA THR A 69 4.90 8.97 9.52
C THR A 69 3.82 8.58 8.52
N VAL A 70 3.18 7.44 8.78
CA VAL A 70 2.09 6.97 7.93
C VAL A 70 0.98 8.02 7.82
N HIS A 71 0.64 8.67 8.94
CA HIS A 71 -0.36 9.74 8.92
C HIS A 71 0.06 10.93 8.03
N TYR A 72 1.33 11.21 7.96
CA TYR A 72 1.79 12.25 7.09
C TYR A 72 1.67 11.84 5.65
N HIS A 73 2.26 10.72 5.30
CA HIS A 73 2.13 10.25 3.94
C HIS A 73 0.66 10.21 3.51
N LEU A 74 -0.21 9.75 4.39
CA LEU A 74 -1.65 9.69 4.11
C LEU A 74 -2.25 11.06 3.90
N GLY A 75 -1.77 12.05 4.66
CA GLY A 75 -2.25 13.41 4.51
C GLY A 75 -1.88 13.99 3.15
N SER A 76 -0.62 13.81 2.79
CA SER A 76 -0.10 14.24 1.52
C SER A 76 -0.99 13.66 0.41
N LEU A 77 -1.21 12.35 0.47
CA LEU A 77 -2.02 11.66 -0.52
C LEU A 77 -3.41 12.28 -0.65
N ALA A 78 -4.05 12.56 0.48
CA ALA A 78 -5.40 13.14 0.45
C ALA A 78 -5.45 14.56 -0.13
N LEU A 79 -4.35 15.28 -0.06
CA LEU A 79 -4.32 16.65 -0.59
C LEU A 79 -4.16 16.60 -2.12
N SER A 80 -3.17 15.82 -2.57
CA SER A 80 -2.94 15.63 -3.99
C SER A 80 -4.19 15.07 -4.66
N ASP A 81 -4.93 14.20 -3.98
CA ASP A 81 -6.21 13.75 -4.53
C ASP A 81 -7.27 14.85 -4.57
N LEU A 82 -7.40 15.61 -3.47
CA LEU A 82 -8.34 16.73 -3.44
C LEU A 82 -8.05 17.72 -4.60
N LEU A 83 -6.76 17.98 -4.81
CA LEU A 83 -6.31 18.94 -5.78
C LEU A 83 -6.53 18.46 -7.22
N ILE A 84 -6.43 17.16 -7.47
CA ILE A 84 -6.78 16.66 -8.79
C ILE A 84 -8.22 17.05 -9.05
N LEU A 85 -9.11 16.70 -8.13
CA LEU A 85 -10.53 16.90 -8.36
C LEU A 85 -10.91 18.38 -8.52
N LEU A 86 -10.22 19.27 -7.81
CA LEU A 86 -10.57 20.70 -7.79
C LEU A 86 -9.97 21.47 -8.96
N LEU A 87 -8.80 21.02 -9.43
CA LEU A 87 -8.04 21.70 -10.47
C LEU A 87 -8.22 21.11 -11.87
N ALA A 88 -8.35 19.78 -11.95
CA ALA A 88 -8.44 19.13 -13.24
C ALA A 88 -9.88 19.01 -13.74
N MET A 89 -10.83 18.80 -12.84
CA MET A 89 -12.19 18.45 -13.27
C MET A 89 -13.07 19.57 -13.83
N PRO A 90 -13.14 20.72 -13.15
CA PRO A 90 -14.04 21.80 -13.60
C PRO A 90 -13.87 22.15 -15.07
N VAL A 91 -12.63 22.37 -15.47
CA VAL A 91 -12.28 22.73 -16.83
C VAL A 91 -12.47 21.56 -17.81
N GLU A 92 -12.09 20.36 -17.39
CA GLU A 92 -12.33 19.19 -18.21
C GLU A 92 -13.82 19.09 -18.54
N LEU A 93 -14.66 19.29 -17.55
CA LEU A 93 -16.11 19.10 -17.73
C LEU A 93 -16.69 20.11 -18.73
N TYR A 94 -16.14 21.30 -18.77
CA TYR A 94 -16.65 22.30 -19.65
C TYR A 94 -16.08 22.18 -21.04
N ASN A 95 -14.78 22.06 -21.12
CA ASN A 95 -14.03 22.16 -22.36
C ASN A 95 -13.60 20.86 -23.04
N PHE A 96 -13.54 19.75 -22.29
CA PHE A 96 -13.21 18.46 -22.90
C PHE A 96 -14.40 17.48 -22.99
N ILE A 97 -15.51 17.81 -22.34
CA ILE A 97 -16.70 16.96 -22.44
C ILE A 97 -17.83 17.62 -23.23
N TRP A 98 -18.21 18.84 -22.85
CA TRP A 98 -19.38 19.54 -23.44
C TRP A 98 -19.06 20.46 -24.64
N VAL A 99 -17.97 21.23 -24.54
CA VAL A 99 -17.63 22.28 -25.50
C VAL A 99 -16.16 22.12 -25.89
N HIS A 100 -15.94 21.39 -26.98
CA HIS A 100 -14.60 20.94 -27.33
C HIS A 100 -13.83 22.06 -28.03
N HIS A 101 -14.57 22.93 -28.72
CA HIS A 101 -13.97 24.10 -29.34
C HIS A 101 -14.93 25.29 -29.25
N PRO A 102 -14.40 26.49 -29.02
CA PRO A 102 -12.97 26.71 -28.84
C PRO A 102 -12.53 26.61 -27.37
N TRP A 103 -11.23 26.41 -27.17
CA TRP A 103 -10.61 26.50 -25.87
C TRP A 103 -10.80 27.91 -25.33
N ALA A 104 -11.37 28.02 -24.12
CA ALA A 104 -11.86 29.27 -23.60
C ALA A 104 -10.99 29.84 -22.49
N PHE A 105 -9.78 29.31 -22.33
CA PHE A 105 -8.94 29.72 -21.22
C PHE A 105 -7.59 30.31 -21.61
N GLY A 106 -7.42 30.68 -22.88
CA GLY A 106 -6.22 31.37 -23.32
C GLY A 106 -4.97 30.50 -23.33
N ASP A 107 -3.87 31.08 -23.79
CA ASP A 107 -2.63 30.33 -24.00
C ASP A 107 -2.02 29.92 -22.67
N ALA A 108 -2.03 30.84 -21.71
CA ALA A 108 -1.50 30.57 -20.37
C ALA A 108 -2.46 29.70 -19.54
N GLY A 109 -3.75 29.76 -19.85
CA GLY A 109 -4.69 28.83 -19.24
C GLY A 109 -4.36 27.41 -19.68
N CYS A 110 -4.13 27.26 -20.97
CA CYS A 110 -3.73 25.98 -21.56
C CYS A 110 -2.45 25.43 -20.94
N ARG A 111 -1.43 26.27 -20.80
CA ARG A 111 -0.16 25.82 -20.23
C ARG A 111 -0.25 25.53 -18.73
N GLY A 112 -0.94 26.40 -17.99
CA GLY A 112 -1.09 26.25 -16.56
C GLY A 112 -1.91 25.04 -16.17
N TYR A 113 -2.89 24.69 -17.01
CA TYR A 113 -3.77 23.57 -16.73
C TYR A 113 -3.03 22.24 -16.78
N TYR A 114 -2.30 22.00 -17.86
CA TYR A 114 -1.53 20.78 -17.97
C TYR A 114 -0.36 20.74 -16.96
N PHE A 115 0.15 21.90 -16.56
CA PHE A 115 1.20 21.92 -15.56
C PHE A 115 0.66 21.36 -14.24
N LEU A 116 -0.44 21.95 -13.78
CA LEU A 116 -1.02 21.63 -12.51
C LEU A 116 -1.50 20.19 -12.51
N ARG A 117 -2.20 19.79 -13.57
CA ARG A 117 -2.75 18.45 -13.70
C ARG A 117 -1.65 17.43 -13.48
N ASP A 118 -0.57 17.55 -14.26
CA ASP A 118 0.56 16.63 -14.16
C ASP A 118 1.27 16.67 -12.82
N ALA A 119 1.32 17.84 -12.18
CA ALA A 119 1.99 17.99 -10.90
C ALA A 119 1.27 17.19 -9.81
N CYS A 120 -0.02 17.47 -9.63
CA CYS A 120 -0.87 16.74 -8.69
C CYS A 120 -0.82 15.24 -8.93
N THR A 121 -0.97 14.86 -10.20
CA THR A 121 -0.76 13.50 -10.69
C THR A 121 0.56 12.90 -10.24
N TYR A 122 1.67 13.56 -10.56
CA TYR A 122 2.98 13.07 -10.13
C TYR A 122 3.02 12.97 -8.61
N ALA A 123 2.45 13.97 -7.94
CA ALA A 123 2.49 14.02 -6.48
C ALA A 123 1.72 12.86 -5.85
N THR A 124 0.67 12.40 -6.52
CA THR A 124 -0.11 11.27 -6.03
C THR A 124 0.68 9.97 -6.26
N ALA A 125 1.11 9.75 -7.49
CA ALA A 125 1.87 8.55 -7.83
C ALA A 125 3.10 8.38 -6.91
N LEU A 126 3.84 9.45 -6.68
CA LEU A 126 5.02 9.38 -5.83
C LEU A 126 4.62 9.10 -4.38
N ASN A 127 3.56 9.77 -3.92
CA ASN A 127 3.01 9.57 -2.58
C ASN A 127 2.70 8.10 -2.26
N VAL A 128 1.79 7.56 -3.05
CA VAL A 128 1.40 6.15 -2.98
C VAL A 128 2.64 5.25 -2.94
N ALA A 129 3.66 5.59 -3.70
CA ALA A 129 4.87 4.77 -3.81
C ALA A 129 5.78 4.91 -2.60
N SER A 130 5.94 6.13 -2.12
CA SER A 130 6.78 6.41 -0.97
C SER A 130 6.19 5.77 0.28
N LEU A 131 4.86 5.82 0.35
CA LEU A 131 4.10 5.20 1.43
C LEU A 131 4.37 3.71 1.50
N SER A 132 4.37 3.06 0.35
CA SER A 132 4.64 1.64 0.25
C SER A 132 6.05 1.35 0.75
N VAL A 133 7.00 2.23 0.43
CA VAL A 133 8.37 2.06 0.90
C VAL A 133 8.43 2.21 2.42
N ALA A 134 7.86 3.30 2.92
CA ALA A 134 7.74 3.52 4.36
C ALA A 134 7.24 2.26 5.10
N ARG A 135 6.17 1.65 4.60
CA ARG A 135 5.61 0.46 5.24
C ARG A 135 6.52 -0.77 5.11
N TYR A 136 7.22 -0.87 3.99
CA TYR A 136 8.19 -1.95 3.80
C TYR A 136 9.32 -1.85 4.81
N LEU A 137 9.78 -0.63 5.08
CA LEU A 137 10.86 -0.42 6.05
C LEU A 137 10.38 -0.67 7.48
N ALA A 138 9.23 -0.11 7.83
CA ALA A 138 8.68 -0.30 9.15
C ALA A 138 8.64 -1.78 9.53
N ILE A 139 8.17 -2.62 8.61
CA ILE A 139 7.89 -4.02 8.91
C ILE A 139 9.10 -4.93 8.71
N CYS A 140 9.81 -4.76 7.59
CA CYS A 140 10.92 -5.67 7.26
C CYS A 140 12.29 -5.24 7.80
N HIS A 141 12.45 -3.95 8.09
CA HIS A 141 13.71 -3.44 8.62
C HIS A 141 13.41 -2.46 9.75
N PRO A 142 12.92 -2.94 10.86
CA PRO A 142 12.52 -2.08 11.97
C PRO A 142 13.69 -1.43 12.69
N PHE A 143 14.85 -2.06 12.64
CA PHE A 143 16.04 -1.50 13.23
C PHE A 143 16.40 -0.23 12.51
N LYS A 144 16.62 -0.32 11.20
CA LYS A 144 16.91 0.85 10.38
C LYS A 144 15.74 1.85 10.41
N ALA A 145 14.53 1.33 10.32
CA ALA A 145 13.31 2.16 10.32
C ALA A 145 13.31 3.30 11.34
N LYS A 146 13.47 2.97 12.61
CA LYS A 146 13.48 3.98 13.67
C LYS A 146 14.69 4.91 13.54
N THR A 147 15.78 4.40 12.99
CA THR A 147 16.99 5.18 12.81
C THR A 147 17.11 5.88 11.45
N LEU A 148 16.07 5.73 10.64
CA LEU A 148 16.07 6.19 9.25
C LEU A 148 14.96 7.16 8.92
N MET A 149 14.09 7.42 9.89
CA MET A 149 12.94 8.28 9.65
C MET A 149 12.16 8.61 10.92
N SER A 150 12.04 9.91 11.19
CA SER A 150 11.24 10.43 12.31
C SER A 150 10.45 11.65 11.85
N ARG A 151 9.63 12.21 12.71
CA ARG A 151 8.74 13.26 12.27
C ARG A 151 9.37 14.34 11.39
N SER A 152 10.57 14.80 11.70
CA SER A 152 11.14 15.85 10.87
C SER A 152 11.75 15.36 9.57
N ARG A 153 12.25 14.13 9.55
CA ARG A 153 12.84 13.58 8.32
C ARG A 153 11.81 13.21 7.23
N THR A 154 10.59 12.82 7.64
CA THR A 154 9.54 12.52 6.66
C THR A 154 8.90 13.81 6.16
N LYS A 155 8.56 14.72 7.07
CA LYS A 155 8.08 16.05 6.70
C LYS A 155 8.94 16.65 5.58
N LYS A 156 10.22 16.38 5.59
CA LYS A 156 11.13 16.87 4.58
C LYS A 156 11.05 16.05 3.31
N PHE A 157 10.86 14.75 3.46
CA PHE A 157 10.69 13.86 2.30
C PHE A 157 9.40 14.17 1.56
N ILE A 158 8.34 14.52 2.29
CA ILE A 158 7.07 14.88 1.64
C ILE A 158 7.33 16.15 0.81
N SER A 159 8.13 17.07 1.32
CA SER A 159 8.50 18.25 0.57
C SER A 159 9.29 17.90 -0.70
N ALA A 160 10.22 16.96 -0.59
CA ALA A 160 11.02 16.55 -1.74
C ALA A 160 10.15 16.09 -2.89
N ILE A 161 9.04 15.43 -2.58
CA ILE A 161 8.19 14.87 -3.64
C ILE A 161 7.17 15.83 -4.23
N TRP A 162 6.87 16.94 -3.55
CA TRP A 162 6.06 17.99 -4.20
C TRP A 162 6.94 18.83 -5.12
N LEU A 163 8.17 19.12 -4.71
CA LEU A 163 9.13 19.75 -5.61
C LEU A 163 9.45 18.88 -6.81
N ALA A 164 9.68 17.60 -6.57
CA ALA A 164 9.98 16.66 -7.66
C ALA A 164 8.81 16.57 -8.63
N SER A 165 7.59 16.59 -8.11
CA SER A 165 6.39 16.61 -8.94
C SER A 165 6.36 17.87 -9.80
N ALA A 166 6.63 19.00 -9.13
CA ALA A 166 6.66 20.30 -9.79
C ALA A 166 7.69 20.34 -10.92
N LEU A 167 8.89 19.82 -10.68
CA LEU A 167 9.94 19.84 -11.69
C LEU A 167 9.59 18.97 -12.90
N LEU A 168 9.05 17.78 -12.64
CA LEU A 168 8.69 16.85 -13.72
C LEU A 168 7.50 17.31 -14.56
N ALA A 169 6.77 18.33 -14.08
CA ALA A 169 5.64 18.89 -14.83
C ALA A 169 6.03 20.11 -15.70
N ILE A 170 7.28 20.56 -15.58
CA ILE A 170 7.74 21.77 -16.26
C ILE A 170 7.70 21.62 -17.78
N PRO A 171 8.15 20.48 -18.33
CA PRO A 171 8.00 20.25 -19.76
C PRO A 171 6.61 20.58 -20.32
N MET A 172 5.55 20.36 -19.54
CA MET A 172 4.20 20.64 -20.03
C MET A 172 3.92 22.14 -20.22
N LEU A 173 4.68 23.01 -19.56
CA LEU A 173 4.60 24.46 -19.80
C LEU A 173 5.14 24.84 -21.19
N PHE A 174 6.09 24.05 -21.69
CA PHE A 174 6.77 24.32 -22.96
C PHE A 174 6.22 23.50 -24.14
N THR A 175 5.51 22.40 -23.88
CA THR A 175 5.00 21.54 -24.95
C THR A 175 3.54 21.79 -25.30
N MET A 176 2.70 22.11 -24.32
CA MET A 176 1.31 22.48 -24.61
C MET A 176 1.27 23.93 -25.08
N GLY A 177 0.17 24.31 -25.71
CA GLY A 177 0.04 25.64 -26.28
C GLY A 177 -1.28 25.86 -26.98
N LEU A 178 -1.70 27.12 -27.04
CA LEU A 178 -2.92 27.51 -27.77
C LEU A 178 -2.59 27.54 -29.23
N GLN A 179 -3.57 27.20 -30.07
CA GLN A 179 -3.33 27.03 -31.49
C GLN A 179 -4.63 27.01 -32.27
N ASN A 180 -4.64 27.70 -33.42
CA ASN A 180 -5.82 27.72 -34.27
C ASN A 180 -5.77 26.61 -35.31
N ARG A 181 -6.73 25.69 -35.23
CA ARG A 181 -6.80 24.56 -36.16
C ARG A 181 -7.93 24.67 -37.18
N SER A 182 -8.64 25.79 -37.19
CA SER A 182 -9.67 26.02 -38.20
C SER A 182 -9.14 25.82 -39.62
N ALA A 183 -10.04 25.47 -40.54
CA ALA A 183 -9.68 25.34 -41.95
C ALA A 183 -9.20 26.69 -42.40
N ASP A 184 -10.07 27.68 -42.24
CA ASP A 184 -9.72 29.08 -42.42
C ASP A 184 -8.43 29.37 -41.64
N GLY A 185 -7.65 30.37 -42.10
CA GLY A 185 -6.47 30.80 -41.35
C GLY A 185 -6.70 30.78 -39.84
N THR A 186 -7.62 31.62 -39.37
CA THR A 186 -7.80 31.82 -37.94
C THR A 186 -9.18 32.44 -37.63
N HIS A 187 -10.16 31.56 -37.37
CA HIS A 187 -11.47 31.93 -36.84
C HIS A 187 -11.44 31.69 -35.31
N PRO A 188 -12.07 32.59 -34.52
CA PRO A 188 -11.98 32.50 -33.04
C PRO A 188 -12.61 31.25 -32.42
N GLY A 189 -13.60 30.67 -33.09
CA GLY A 189 -14.14 29.36 -32.74
C GLY A 189 -13.24 28.15 -33.03
N GLY A 190 -12.08 28.37 -33.64
CA GLY A 190 -11.17 27.28 -33.97
C GLY A 190 -9.91 27.21 -33.13
N LEU A 191 -9.89 27.90 -32.01
CA LEU A 191 -8.77 27.85 -31.08
C LEU A 191 -8.88 26.64 -30.15
N VAL A 192 -7.79 25.90 -30.01
CA VAL A 192 -7.74 24.69 -29.19
C VAL A 192 -6.42 24.60 -28.43
N CYS A 193 -6.50 24.17 -27.18
CA CYS A 193 -5.32 23.81 -26.39
C CYS A 193 -4.95 22.38 -26.73
N THR A 194 -3.67 22.14 -27.02
CA THR A 194 -3.22 20.86 -27.55
C THR A 194 -1.70 20.94 -27.58
N PRO A 195 -1.00 19.80 -27.64
CA PRO A 195 0.45 19.88 -27.84
C PRO A 195 0.74 20.62 -29.14
N ILE A 196 1.84 21.36 -29.16
CA ILE A 196 2.18 22.21 -30.30
C ILE A 196 3.68 22.16 -30.64
N VAL A 197 4.28 21.00 -30.42
CA VAL A 197 5.68 20.78 -30.79
C VAL A 197 5.78 19.50 -31.63
N ASP A 198 6.97 19.25 -32.16
CA ASP A 198 7.21 18.12 -33.04
C ASP A 198 6.80 16.79 -32.41
N THR A 199 5.98 16.03 -33.11
CA THR A 199 5.55 14.71 -32.65
C THR A 199 6.68 13.90 -32.00
N ALA A 200 7.90 14.07 -32.49
CA ALA A 200 9.08 13.43 -31.90
C ALA A 200 9.24 13.79 -30.41
N THR A 201 9.10 15.08 -30.09
CA THR A 201 9.19 15.56 -28.71
C THR A 201 7.95 15.20 -27.88
N VAL A 202 6.79 15.30 -28.50
CA VAL A 202 5.52 14.92 -27.86
C VAL A 202 5.52 13.43 -27.49
N LYS A 203 6.06 12.61 -28.39
CA LYS A 203 6.17 11.17 -28.15
C LYS A 203 7.12 10.85 -27.01
N VAL A 204 8.16 11.67 -26.84
CA VAL A 204 9.14 11.42 -25.77
C VAL A 204 8.63 11.97 -24.44
N VAL A 205 8.05 13.16 -24.48
CA VAL A 205 7.43 13.71 -23.28
C VAL A 205 6.43 12.70 -22.74
N ILE A 206 5.41 12.41 -23.55
CA ILE A 206 4.36 11.47 -23.17
C ILE A 206 4.89 10.20 -22.53
N GLN A 207 5.90 9.59 -23.14
CA GLN A 207 6.40 8.31 -22.62
C GLN A 207 7.12 8.49 -21.28
N VAL A 208 7.82 9.61 -21.10
CA VAL A 208 8.44 9.90 -19.79
C VAL A 208 7.34 10.00 -18.74
N ASN A 209 6.34 10.84 -19.01
CA ASN A 209 5.16 11.01 -18.16
C ASN A 209 4.50 9.66 -17.81
N THR A 210 4.46 8.75 -18.78
CA THR A 210 3.91 7.42 -18.60
C THR A 210 4.80 6.55 -17.73
N PHE A 211 6.12 6.61 -17.96
CA PHE A 211 7.06 5.82 -17.15
C PHE A 211 7.12 6.35 -15.72
N MET A 212 7.24 7.66 -15.59
CA MET A 212 7.52 8.27 -14.30
C MET A 212 6.30 8.40 -13.40
N SER A 213 5.10 8.21 -13.95
CA SER A 213 3.88 8.25 -13.13
C SER A 213 2.96 7.03 -13.29
N PHE A 214 3.43 5.97 -13.95
CA PHE A 214 2.65 4.74 -13.98
C PHE A 214 3.57 3.52 -13.79
N LEU A 215 4.52 3.33 -14.69
CA LEU A 215 5.40 2.17 -14.63
C LEU A 215 6.24 2.08 -13.36
N PHE A 216 7.03 3.12 -13.10
CA PHE A 216 7.92 3.15 -11.94
C PHE A 216 7.15 2.82 -10.65
N PRO A 217 6.12 3.62 -10.31
CA PRO A 217 5.38 3.35 -9.09
C PRO A 217 4.65 2.01 -9.10
N MET A 218 4.25 1.57 -10.28
CA MET A 218 3.61 0.26 -10.44
C MET A 218 4.46 -0.83 -9.83
N LEU A 219 5.73 -0.87 -10.20
CA LEU A 219 6.65 -1.86 -9.64
C LEU A 219 6.78 -1.70 -8.13
N VAL A 220 7.14 -0.50 -7.70
CA VAL A 220 7.32 -0.22 -6.28
C VAL A 220 6.14 -0.77 -5.46
N ILE A 221 4.97 -0.24 -5.75
CA ILE A 221 3.72 -0.68 -5.17
C ILE A 221 3.56 -2.20 -5.29
N SER A 222 3.46 -2.69 -6.52
CA SER A 222 3.08 -4.08 -6.73
C SER A 222 4.04 -5.09 -6.11
N ILE A 223 5.32 -4.76 -6.04
CA ILE A 223 6.28 -5.66 -5.42
C ILE A 223 6.23 -5.52 -3.90
N LEU A 224 6.40 -4.29 -3.40
CA LEU A 224 6.51 -4.07 -1.97
C LEU A 224 5.23 -4.42 -1.20
N ASN A 225 4.08 -4.10 -1.77
CA ASN A 225 2.80 -4.45 -1.13
C ASN A 225 2.55 -5.93 -1.09
N THR A 226 3.10 -6.68 -2.05
CA THR A 226 3.00 -8.13 -2.03
C THR A 226 3.94 -8.71 -0.97
N VAL A 227 5.09 -8.07 -0.78
CA VAL A 227 6.06 -8.50 0.22
C VAL A 227 5.55 -8.18 1.62
N ILE A 228 4.95 -7.01 1.78
CA ILE A 228 4.33 -6.66 3.07
C ILE A 228 3.21 -7.63 3.41
N ALA A 229 2.24 -7.75 2.50
CA ALA A 229 1.08 -8.62 2.71
C ALA A 229 1.44 -10.01 3.21
N ASN A 230 2.37 -10.66 2.51
CA ASN A 230 2.87 -11.99 2.86
C ASN A 230 3.52 -12.01 4.23
N LYS A 231 4.34 -11.01 4.51
CA LYS A 231 5.06 -10.97 5.77
C LYS A 231 4.09 -10.71 6.91
N LEU A 232 3.16 -9.79 6.67
CA LEU A 232 2.14 -9.43 7.66
C LEU A 232 1.18 -10.60 7.93
N THR A 233 0.91 -11.38 6.89
CA THR A 233 0.13 -12.60 7.03
C THR A 233 0.75 -13.61 8.02
N VAL A 234 2.07 -13.76 7.96
CA VAL A 234 2.80 -14.69 8.82
C VAL A 234 2.93 -14.14 10.25
N MET A 235 3.14 -12.84 10.37
CA MET A 235 3.22 -12.19 11.67
C MET A 235 1.97 -12.38 12.51
N VAL A 236 0.82 -12.37 11.86
CA VAL A 236 -0.44 -12.52 12.52
C VAL A 236 -0.70 -13.98 12.82
N PRO A 265 -9.68 -14.98 17.33
CA PRO A 265 -9.24 -14.22 16.15
C PRO A 265 -9.69 -12.76 16.08
N GLY A 266 -10.64 -12.38 16.92
CA GLY A 266 -11.21 -11.02 16.93
C GLY A 266 -10.12 -10.00 17.16
N ARG A 267 -9.25 -10.31 18.08
CA ARG A 267 -8.13 -9.44 18.45
C ARG A 267 -7.33 -8.94 17.25
N VAL A 268 -7.19 -9.79 16.24
CA VAL A 268 -6.33 -9.48 15.11
C VAL A 268 -7.10 -9.31 13.80
N GLN A 269 -8.42 -9.13 13.88
CA GLN A 269 -9.25 -9.13 12.69
C GLN A 269 -8.94 -7.91 11.80
N ALA A 270 -8.48 -6.83 12.40
CA ALA A 270 -8.15 -5.62 11.65
C ALA A 270 -6.90 -5.79 10.81
N LEU A 271 -5.89 -6.48 11.34
CA LEU A 271 -4.65 -6.71 10.61
C LEU A 271 -4.86 -7.62 9.40
N ARG A 272 -5.85 -8.50 9.47
CA ARG A 272 -6.15 -9.35 8.33
C ARG A 272 -6.90 -8.58 7.24
N HIS A 273 -7.67 -7.58 7.61
CA HIS A 273 -8.30 -6.69 6.62
C HIS A 273 -7.24 -5.83 5.95
N GLY A 274 -6.34 -5.27 6.76
CA GLY A 274 -5.18 -4.54 6.25
C GLY A 274 -4.49 -5.26 5.11
N VAL A 275 -4.24 -6.55 5.29
CA VAL A 275 -3.63 -7.40 4.25
C VAL A 275 -4.44 -7.39 2.95
N LEU A 276 -5.77 -7.42 3.08
CA LEU A 276 -6.66 -7.40 1.91
C LEU A 276 -6.66 -6.03 1.26
N VAL A 277 -6.72 -4.99 2.09
CA VAL A 277 -6.58 -3.62 1.62
C VAL A 277 -5.31 -3.44 0.78
N LEU A 278 -4.21 -4.03 1.23
CA LEU A 278 -2.92 -3.89 0.53
C LEU A 278 -2.93 -4.50 -0.88
N ARG A 279 -3.60 -5.63 -1.03
CA ARG A 279 -3.69 -6.24 -2.35
C ARG A 279 -4.70 -5.48 -3.20
N ALA A 280 -5.73 -4.95 -2.54
CA ALA A 280 -6.74 -4.14 -3.21
C ALA A 280 -6.15 -2.85 -3.79
N VAL A 281 -5.20 -2.27 -3.08
CA VAL A 281 -4.62 -0.98 -3.45
C VAL A 281 -3.93 -1.03 -4.81
N VAL A 282 -3.25 -2.14 -5.08
CA VAL A 282 -2.60 -2.34 -6.36
C VAL A 282 -3.69 -2.46 -7.42
N ILE A 283 -4.61 -3.40 -7.23
CA ILE A 283 -5.73 -3.60 -8.16
C ILE A 283 -6.39 -2.27 -8.48
N ALA A 284 -6.68 -1.49 -7.45
CA ALA A 284 -7.29 -0.17 -7.64
C ALA A 284 -6.44 0.73 -8.53
N PHE A 285 -5.13 0.67 -8.38
CA PHE A 285 -4.22 1.52 -9.11
C PHE A 285 -4.17 1.17 -10.60
N VAL A 286 -4.00 -0.12 -10.92
CA VAL A 286 -3.94 -0.57 -12.31
C VAL A 286 -5.24 -0.24 -13.03
N VAL A 287 -6.35 -0.73 -12.50
CA VAL A 287 -7.63 -0.59 -13.17
C VAL A 287 -7.94 0.88 -13.46
N CYS A 288 -7.69 1.74 -12.48
CA CYS A 288 -8.05 3.15 -12.56
C CYS A 288 -7.11 4.03 -13.38
N TRP A 289 -5.83 3.65 -13.50
CA TRP A 289 -4.82 4.49 -14.19
C TRP A 289 -4.28 3.98 -15.54
N LEU A 290 -4.29 2.67 -15.75
CA LEU A 290 -3.77 2.08 -16.98
C LEU A 290 -4.50 2.57 -18.23
N PRO A 291 -5.84 2.53 -18.22
CA PRO A 291 -6.56 2.98 -19.41
C PRO A 291 -6.41 4.48 -19.72
N TYR A 292 -6.03 5.28 -18.73
CA TYR A 292 -5.74 6.70 -18.92
C TYR A 292 -4.43 6.89 -19.66
N HIS A 293 -3.46 6.03 -19.37
CA HIS A 293 -2.18 6.11 -20.04
C HIS A 293 -2.18 5.44 -21.40
N VAL A 294 -2.99 4.40 -21.53
CA VAL A 294 -3.24 3.84 -22.83
C VAL A 294 -3.74 4.96 -23.73
N ARG A 295 -4.73 5.74 -23.28
CA ARG A 295 -5.35 6.77 -24.14
C ARG A 295 -4.41 7.89 -24.53
N ARG A 296 -3.54 8.32 -23.62
CA ARG A 296 -2.56 9.35 -23.99
C ARG A 296 -1.58 8.80 -25.03
N LEU A 297 -1.22 7.53 -24.91
CA LEU A 297 -0.24 6.95 -25.82
C LEU A 297 -0.78 6.75 -27.24
N MET A 298 -2.04 6.36 -27.33
CA MET A 298 -2.80 6.27 -28.58
C MET A 298 -2.94 7.64 -29.28
N PHE A 299 -3.07 8.71 -28.51
CA PHE A 299 -3.15 10.09 -29.01
C PHE A 299 -1.93 10.47 -29.86
N CYS A 300 -0.75 10.03 -29.46
CA CYS A 300 0.48 10.41 -30.15
C CYS A 300 1.06 9.34 -31.08
N TYR A 301 0.84 8.05 -30.80
CA TYR A 301 1.46 6.97 -31.60
C TYR A 301 0.66 6.48 -32.82
N ILE A 302 -0.63 6.86 -32.90
CA ILE A 302 -1.44 6.64 -34.10
C ILE A 302 -1.28 7.83 -35.05
N SER A 303 -0.64 7.58 -36.20
CA SER A 303 -0.27 8.63 -37.14
C SER A 303 -1.43 9.05 -38.05
N ASP A 304 -1.22 10.15 -38.77
CA ASP A 304 -2.28 10.84 -39.53
C ASP A 304 -2.93 9.99 -40.60
N GLU A 305 -2.13 9.25 -41.35
CA GLU A 305 -2.66 8.35 -42.38
C GLU A 305 -3.58 7.27 -41.83
N GLN A 306 -3.61 7.09 -40.50
CA GLN A 306 -4.39 6.03 -39.84
C GLN A 306 -5.66 6.52 -39.12
N TRP A 307 -5.76 7.82 -38.88
CA TRP A 307 -6.94 8.38 -38.21
C TRP A 307 -8.16 8.42 -39.14
N THR A 308 -9.28 7.88 -38.65
CA THR A 308 -10.54 7.87 -39.38
C THR A 308 -11.62 8.49 -38.52
N THR A 309 -12.77 8.77 -39.12
CA THR A 309 -13.93 9.19 -38.34
C THR A 309 -14.29 8.16 -37.27
N PHE A 310 -14.17 6.87 -37.57
CA PHE A 310 -14.41 5.82 -36.58
C PHE A 310 -13.53 5.90 -35.33
N LEU A 311 -12.21 5.93 -35.51
CA LEU A 311 -11.25 5.99 -34.39
C LEU A 311 -11.37 7.29 -33.62
N PHE A 312 -11.53 8.39 -34.37
CA PHE A 312 -11.73 9.71 -33.80
C PHE A 312 -12.96 9.72 -32.89
N ASP A 313 -14.08 9.18 -33.36
CA ASP A 313 -15.28 9.09 -32.52
C ASP A 313 -15.03 8.18 -31.32
N PHE A 314 -14.40 7.04 -31.56
CA PHE A 314 -14.07 6.07 -30.51
C PHE A 314 -13.14 6.64 -29.42
N TYR A 315 -12.26 7.55 -29.82
CA TYR A 315 -11.32 8.19 -28.89
C TYR A 315 -12.06 9.00 -27.82
N HIS A 316 -12.94 9.89 -28.26
CA HIS A 316 -13.65 10.81 -27.39
C HIS A 316 -14.69 10.13 -26.47
N TYR A 317 -15.19 8.98 -26.90
CA TYR A 317 -16.00 8.13 -26.04
C TYR A 317 -15.10 7.44 -25.01
N PHE A 318 -13.99 6.88 -25.48
CA PHE A 318 -12.94 6.29 -24.63
C PHE A 318 -12.46 7.29 -23.59
N TYR A 319 -12.20 8.52 -24.04
CA TYR A 319 -11.84 9.63 -23.16
C TYR A 319 -12.79 9.71 -21.97
N MET A 320 -14.10 9.62 -22.26
CA MET A 320 -15.11 9.66 -21.20
C MET A 320 -14.87 8.53 -20.20
N LEU A 321 -14.65 7.32 -20.71
CA LEU A 321 -14.43 6.16 -19.86
C LEU A 321 -13.13 6.22 -19.06
N THR A 322 -12.04 6.62 -19.68
CA THR A 322 -10.73 6.58 -19.01
C THR A 322 -10.61 7.65 -17.93
N ASN A 323 -11.21 8.80 -18.15
CA ASN A 323 -11.13 9.92 -17.22
C ASN A 323 -12.10 9.80 -16.04
N ALA A 324 -13.21 9.10 -16.25
CA ALA A 324 -14.09 8.75 -15.14
C ALA A 324 -13.31 7.87 -14.15
N LEU A 325 -12.70 6.80 -14.66
CA LEU A 325 -11.89 5.90 -13.83
C LEU A 325 -10.71 6.62 -13.19
N PHE A 326 -10.08 7.51 -13.94
CA PHE A 326 -8.96 8.26 -13.43
C PHE A 326 -9.37 8.97 -12.14
N TYR A 327 -10.49 9.68 -12.18
CA TYR A 327 -10.96 10.46 -11.04
C TYR A 327 -11.42 9.57 -9.89
N ALA A 328 -12.03 8.44 -10.22
CA ALA A 328 -12.45 7.44 -9.24
C ALA A 328 -11.31 7.16 -8.26
N SER A 329 -10.11 6.98 -8.80
CA SER A 329 -8.92 6.83 -7.97
C SER A 329 -8.93 7.84 -6.83
N SER A 330 -9.02 9.12 -7.17
CA SER A 330 -9.02 10.17 -6.15
C SER A 330 -10.17 10.11 -5.16
N ALA A 331 -11.32 9.59 -5.60
CA ALA A 331 -12.49 9.43 -4.72
C ALA A 331 -12.42 8.18 -3.80
N ILE A 332 -11.90 7.08 -4.31
CA ILE A 332 -11.84 5.86 -3.51
C ILE A 332 -10.66 5.85 -2.54
N ASN A 333 -9.52 6.39 -2.96
CA ASN A 333 -8.30 6.35 -2.14
C ASN A 333 -8.51 6.72 -0.69
N PRO A 334 -9.23 7.83 -0.41
CA PRO A 334 -9.47 8.12 0.99
C PRO A 334 -10.20 6.98 1.70
N ILE A 335 -11.26 6.47 1.10
CA ILE A 335 -12.05 5.42 1.77
C ILE A 335 -11.41 4.02 1.74
N LEU A 336 -10.37 3.84 0.94
CA LEU A 336 -9.70 2.55 0.82
C LEU A 336 -8.45 2.51 1.68
N TYR A 337 -7.59 3.52 1.55
CA TYR A 337 -6.41 3.62 2.39
C TYR A 337 -6.72 3.86 3.88
N ASN A 338 -7.99 4.04 4.25
CA ASN A 338 -8.32 4.35 5.64
C ASN A 338 -9.54 3.63 6.21
N LEU A 339 -10.05 2.59 5.54
CA LEU A 339 -11.26 1.92 6.04
C LEU A 339 -10.97 0.96 7.19
N VAL A 340 -9.79 0.35 7.18
CA VAL A 340 -9.41 -0.61 8.22
C VAL A 340 -8.93 0.04 9.53
N SER A 341 -8.76 1.36 9.50
CA SER A 341 -8.45 2.12 10.73
C SER A 341 -9.55 1.97 11.79
N ALA A 342 -9.20 2.34 13.00
CA ALA A 342 -10.05 2.18 14.16
C ALA A 342 -11.24 3.09 14.24
N ASN A 343 -10.96 4.36 14.41
CA ASN A 343 -12.02 5.32 14.59
C ASN A 343 -12.60 5.73 13.25
N PHE A 344 -11.69 5.87 12.32
CA PHE A 344 -12.04 6.28 10.95
C PHE A 344 -13.30 5.60 10.43
N ARG A 345 -13.44 4.31 10.73
CA ARG A 345 -14.66 3.58 10.41
C ARG A 345 -15.86 4.40 10.85
N GLN A 346 -15.84 4.81 12.11
CA GLN A 346 -16.85 5.69 12.61
C GLN A 346 -16.82 7.06 11.99
N VAL A 347 -15.61 7.56 11.86
CA VAL A 347 -15.40 8.94 11.43
C VAL A 347 -16.21 9.33 10.21
N PHE A 348 -16.04 8.63 9.10
CA PHE A 348 -16.76 8.97 7.87
C PHE A 348 -18.23 8.62 8.04
N LEU A 349 -18.49 7.76 9.01
CA LEU A 349 -19.86 7.38 9.36
C LEU A 349 -20.50 8.46 10.19
N SER A 350 -19.68 9.44 10.62
CA SER A 350 -20.16 10.59 11.34
C SER A 350 -20.13 11.83 10.48
N THR A 351 -20.24 11.66 9.17
CA THR A 351 -20.27 12.83 8.28
C THR A 351 -21.58 12.86 7.50
N ASN A 378 -0.36 -14.85 11.90
CA ASN A 378 -0.48 -16.26 12.14
C ASN A 378 0.22 -16.65 13.41
N ILE A 379 1.48 -16.28 13.52
CA ILE A 379 2.29 -16.60 14.69
C ILE A 379 1.86 -15.89 15.98
N PHE A 380 1.43 -14.63 15.93
CA PHE A 380 0.85 -14.04 17.14
C PHE A 380 -0.30 -14.88 17.71
N GLU A 381 -1.21 -15.36 16.85
CA GLU A 381 -2.34 -16.13 17.33
C GLU A 381 -1.91 -17.45 17.91
N MET A 382 -1.02 -18.14 17.21
CA MET A 382 -0.60 -19.47 17.62
C MET A 382 0.15 -19.40 18.95
N LEU A 383 1.07 -18.45 19.07
CA LEU A 383 1.86 -18.31 20.30
C LEU A 383 1.07 -17.78 21.49
N ARG A 384 0.05 -16.99 21.21
CA ARG A 384 -0.81 -16.47 22.26
C ARG A 384 -1.64 -17.58 22.90
N ILE A 385 -1.89 -18.64 22.13
CA ILE A 385 -2.49 -19.86 22.65
C ILE A 385 -1.44 -20.72 23.36
N ASP A 386 -0.28 -20.91 22.74
CA ASP A 386 0.72 -21.87 23.22
C ASP A 386 1.56 -21.35 24.39
N GLU A 387 1.85 -20.06 24.39
CA GLU A 387 2.61 -19.47 25.48
C GLU A 387 1.71 -18.82 26.54
N GLY A 388 0.49 -18.45 26.18
CA GLY A 388 -0.41 -17.77 27.10
C GLY A 388 0.03 -16.32 27.28
N LEU A 389 -0.66 -15.60 28.16
CA LEU A 389 -0.28 -14.22 28.52
C LEU A 389 -0.37 -14.08 30.02
N ARG A 390 0.76 -13.90 30.68
CA ARG A 390 0.76 -13.66 32.11
C ARG A 390 1.53 -12.36 32.40
N LEU A 391 1.00 -11.55 33.30
CA LEU A 391 1.58 -10.28 33.62
C LEU A 391 2.44 -10.28 34.87
N LYS A 392 2.44 -11.38 35.59
CA LYS A 392 3.27 -11.52 36.77
C LYS A 392 4.24 -12.64 36.49
N ILE A 393 5.39 -12.62 37.15
CA ILE A 393 6.45 -13.61 36.88
C ILE A 393 6.03 -15.03 37.28
N TYR A 394 6.22 -15.98 36.38
CA TYR A 394 5.88 -17.38 36.64
C TYR A 394 7.05 -18.26 36.25
N LYS A 395 6.98 -19.54 36.60
CA LYS A 395 7.98 -20.52 36.22
C LYS A 395 7.47 -21.34 35.06
N ASP A 396 8.30 -21.60 34.05
CA ASP A 396 7.83 -22.24 32.84
C ASP A 396 7.79 -23.75 33.04
N THR A 397 7.50 -24.46 31.96
CA THR A 397 7.51 -25.92 31.94
C THR A 397 8.67 -26.48 32.72
N GLU A 398 9.86 -25.95 32.43
CA GLU A 398 11.14 -26.48 32.88
C GLU A 398 11.60 -25.88 34.20
N GLY A 399 10.79 -25.01 34.81
CA GLY A 399 11.12 -24.39 36.09
C GLY A 399 11.80 -23.04 36.04
N TYR A 400 11.88 -22.41 34.86
CA TYR A 400 12.57 -21.12 34.69
C TYR A 400 11.61 -19.94 34.73
N TYR A 401 12.03 -18.86 35.35
CA TYR A 401 11.20 -17.66 35.47
C TYR A 401 10.98 -17.03 34.11
N THR A 402 9.72 -16.75 33.81
CA THR A 402 9.26 -16.28 32.51
C THR A 402 8.21 -15.20 32.74
N ILE A 403 7.89 -14.39 31.72
CA ILE A 403 6.83 -13.40 31.84
C ILE A 403 6.19 -13.06 30.51
N GLY A 404 4.93 -12.63 30.52
CA GLY A 404 4.28 -12.13 29.31
C GLY A 404 3.82 -13.26 28.41
N ILE A 405 4.21 -13.19 27.15
CA ILE A 405 3.94 -14.26 26.17
C ILE A 405 5.24 -15.05 25.88
N GLY A 406 5.61 -15.92 26.82
CA GLY A 406 6.74 -16.80 26.63
C GLY A 406 8.12 -16.17 26.73
N HIS A 407 8.23 -14.98 27.31
CA HIS A 407 9.54 -14.35 27.45
C HIS A 407 10.35 -14.93 28.62
N LEU A 408 11.42 -15.64 28.31
CA LEU A 408 12.31 -16.19 29.31
C LEU A 408 13.19 -15.09 29.82
N LEU A 409 13.19 -14.88 31.13
CA LEU A 409 13.94 -13.81 31.75
C LEU A 409 15.35 -14.26 32.10
N THR A 410 15.46 -15.42 32.72
CA THR A 410 16.77 -15.95 33.12
C THR A 410 16.66 -17.40 33.52
N LYS A 411 17.77 -18.12 33.44
CA LYS A 411 17.81 -19.51 33.88
C LYS A 411 18.31 -19.67 35.32
N SER A 412 18.60 -18.56 36.00
CA SER A 412 19.07 -18.59 37.38
C SER A 412 17.94 -18.90 38.35
N PRO A 413 18.19 -19.75 39.35
CA PRO A 413 17.15 -20.04 40.35
C PRO A 413 16.80 -18.87 41.30
N SER A 414 17.52 -17.76 41.23
CA SER A 414 17.20 -16.59 42.07
C SER A 414 16.05 -15.76 41.51
N LEU A 415 15.01 -15.55 42.31
CA LEU A 415 13.84 -14.76 41.89
C LEU A 415 14.18 -13.27 41.77
N ASN A 416 15.15 -12.81 42.56
CA ASN A 416 15.69 -11.44 42.41
C ASN A 416 16.48 -11.27 41.10
N ALA A 417 17.14 -12.34 40.66
CA ALA A 417 17.87 -12.30 39.40
C ALA A 417 16.92 -12.06 38.24
N ALA A 418 15.82 -12.80 38.24
CA ALA A 418 14.75 -12.60 37.28
C ALA A 418 14.28 -11.15 37.30
N LYS A 419 13.89 -10.71 38.48
CA LYS A 419 13.28 -9.41 38.69
C LYS A 419 14.18 -8.34 38.24
N SER A 420 15.45 -8.54 38.50
CA SER A 420 16.44 -7.60 38.11
C SER A 420 16.53 -7.54 36.61
N GLU A 421 16.35 -8.68 36.00
CA GLU A 421 16.56 -8.79 34.57
C GLU A 421 15.38 -8.23 33.82
N LEU A 422 14.21 -8.40 34.40
CA LEU A 422 12.96 -7.82 33.90
C LEU A 422 13.02 -6.29 33.91
N ASP A 423 13.33 -5.72 35.07
CA ASP A 423 13.48 -4.28 35.20
C ASP A 423 14.41 -3.75 34.11
N LYS A 424 15.48 -4.47 33.87
CA LYS A 424 16.43 -4.18 32.83
C LYS A 424 15.78 -4.25 31.45
N ALA A 425 14.94 -5.24 31.24
CA ALA A 425 14.33 -5.47 29.92
C ALA A 425 13.46 -4.33 29.45
N ILE A 426 12.74 -3.68 30.37
CA ILE A 426 11.83 -2.60 29.99
C ILE A 426 12.25 -1.20 30.49
N GLY A 427 13.05 -1.15 31.56
CA GLY A 427 13.56 0.13 32.07
C GLY A 427 12.59 0.78 33.03
N ARG A 428 12.25 0.07 34.11
CA ARG A 428 11.24 0.56 35.02
C ARG A 428 11.20 -0.40 36.18
N ASN A 429 11.04 0.14 37.39
CA ASN A 429 11.16 -0.70 38.55
C ASN A 429 9.93 -1.52 38.84
N THR A 430 9.67 -2.44 37.93
CA THR A 430 8.46 -3.23 37.92
C THR A 430 8.04 -3.87 39.22
N ASN A 431 8.99 -4.47 39.93
CA ASN A 431 8.68 -5.38 41.01
C ASN A 431 8.15 -6.72 40.57
N GLY A 432 8.35 -7.06 39.32
CA GLY A 432 7.86 -8.34 38.79
C GLY A 432 6.47 -8.35 38.19
N VAL A 433 5.92 -7.18 37.88
CA VAL A 433 4.59 -7.06 37.24
C VAL A 433 4.60 -6.04 36.09
N ILE A 434 3.95 -6.39 34.99
CA ILE A 434 4.00 -5.58 33.78
C ILE A 434 2.61 -5.37 33.20
N THR A 435 2.52 -4.42 32.27
CA THR A 435 1.27 -4.14 31.59
C THR A 435 1.14 -4.99 30.33
N LYS A 436 -0.07 -5.03 29.80
CA LYS A 436 -0.38 -5.74 28.56
C LYS A 436 0.39 -5.18 27.36
N ASP A 437 0.59 -3.86 27.32
CA ASP A 437 1.36 -3.24 26.25
C ASP A 437 2.86 -3.57 26.36
N GLU A 438 3.37 -3.66 27.58
CA GLU A 438 4.76 -4.06 27.77
C GLU A 438 4.98 -5.50 27.30
N ALA A 439 4.02 -6.36 27.59
CA ALA A 439 4.08 -7.77 27.19
C ALA A 439 4.21 -7.90 25.67
N GLU A 440 3.38 -7.15 24.97
CA GLU A 440 3.35 -7.18 23.52
C GLU A 440 4.58 -6.51 22.91
N LYS A 441 5.20 -5.59 23.65
CA LYS A 441 6.44 -4.96 23.17
C LYS A 441 7.55 -6.01 23.15
N LEU A 442 7.75 -6.69 24.28
CA LEU A 442 8.71 -7.80 24.37
C LEU A 442 8.44 -8.88 23.34
N PHE A 443 7.17 -9.20 23.12
CA PHE A 443 6.79 -10.29 22.23
C PHE A 443 7.25 -10.02 20.80
N ASN A 444 6.94 -8.83 20.31
CA ASN A 444 7.37 -8.42 18.98
C ASN A 444 8.87 -8.46 18.84
N GLN A 445 9.59 -8.15 19.90
CA GLN A 445 11.03 -8.28 19.87
C GLN A 445 11.51 -9.69 19.80
N ASP A 446 10.94 -10.57 20.58
CA ASP A 446 11.32 -11.98 20.59
C ASP A 446 10.99 -12.70 19.27
N VAL A 447 9.94 -12.27 18.58
CA VAL A 447 9.57 -12.87 17.30
C VAL A 447 10.49 -12.34 16.21
N ASP A 448 10.80 -11.06 16.26
CA ASP A 448 11.85 -10.48 15.42
C ASP A 448 13.12 -11.31 15.56
N ALA A 449 13.50 -11.58 16.81
CA ALA A 449 14.68 -12.39 17.13
C ALA A 449 14.62 -13.77 16.52
N ALA A 450 13.46 -14.39 16.55
CA ALA A 450 13.31 -15.76 16.08
C ALA A 450 13.38 -15.86 14.54
N VAL A 451 12.87 -14.86 13.85
CA VAL A 451 12.90 -14.90 12.38
C VAL A 451 14.28 -14.57 11.87
N ARG A 452 14.99 -13.68 12.53
CA ARG A 452 16.38 -13.41 12.14
C ARG A 452 17.22 -14.69 12.29
N GLY A 453 17.11 -15.35 13.43
CA GLY A 453 17.74 -16.65 13.64
C GLY A 453 17.54 -17.61 12.48
N ILE A 454 16.29 -17.81 12.08
CA ILE A 454 15.97 -18.67 10.93
C ILE A 454 16.64 -18.21 9.64
N LEU A 455 16.57 -16.91 9.34
CA LEU A 455 17.00 -16.41 8.04
C LEU A 455 18.51 -16.39 7.90
N ARG A 456 19.24 -16.35 9.01
CA ARG A 456 20.70 -16.38 8.95
C ARG A 456 21.25 -17.79 9.14
N ASN A 457 20.37 -18.78 9.21
CA ASN A 457 20.78 -20.15 9.53
C ASN A 457 20.80 -21.01 8.28
N ALA A 458 21.95 -21.53 7.93
CA ALA A 458 22.09 -22.39 6.76
C ALA A 458 21.09 -23.55 6.76
N LYS A 459 20.71 -24.05 7.94
CA LYS A 459 19.90 -25.26 8.03
C LYS A 459 18.39 -24.99 8.15
N LEU A 460 18.00 -23.76 8.45
CA LEU A 460 16.59 -23.39 8.60
C LEU A 460 16.06 -22.50 7.45
N LYS A 461 16.90 -21.63 6.90
CA LYS A 461 16.41 -20.73 5.85
C LYS A 461 15.80 -21.45 4.62
N PRO A 462 16.52 -22.44 4.06
CA PRO A 462 15.91 -23.18 2.95
C PRO A 462 14.56 -23.81 3.26
N VAL A 463 14.33 -24.20 4.54
CA VAL A 463 13.14 -24.94 4.91
C VAL A 463 11.99 -23.98 5.06
N TYR A 464 12.23 -22.91 5.82
CA TYR A 464 11.36 -21.72 5.86
C TYR A 464 10.91 -21.21 4.50
N ASP A 465 11.84 -21.09 3.56
CA ASP A 465 11.48 -20.56 2.24
C ASP A 465 10.48 -21.45 1.56
N SER A 466 10.62 -22.77 1.73
CA SER A 466 9.78 -23.71 0.98
C SER A 466 8.33 -23.83 1.48
N LEU A 467 8.03 -23.18 2.60
CA LEU A 467 6.79 -23.41 3.31
C LEU A 467 5.73 -22.35 3.01
N ASP A 468 4.46 -22.75 3.04
CA ASP A 468 3.32 -21.83 3.00
C ASP A 468 3.25 -21.02 4.30
N ALA A 469 2.38 -20.01 4.32
CA ALA A 469 2.34 -19.07 5.44
C ALA A 469 1.97 -19.68 6.81
N VAL A 470 1.24 -20.79 6.81
CA VAL A 470 0.75 -21.33 8.05
C VAL A 470 1.83 -22.19 8.67
N ARG A 471 2.41 -23.07 7.87
CA ARG A 471 3.53 -23.88 8.29
C ARG A 471 4.78 -23.07 8.63
N ARG A 472 5.05 -21.98 7.93
CA ARG A 472 6.14 -21.07 8.35
C ARG A 472 5.98 -20.62 9.79
N ALA A 473 4.74 -20.37 10.21
CA ALA A 473 4.48 -19.86 11.52
C ALA A 473 4.75 -20.95 12.53
N ALA A 474 4.55 -22.18 12.09
CA ALA A 474 4.68 -23.33 12.92
C ALA A 474 6.14 -23.62 13.13
N LEU A 475 6.95 -23.25 12.13
CA LEU A 475 8.39 -23.33 12.30
C LEU A 475 8.84 -22.26 13.27
N ILE A 476 8.27 -21.06 13.18
CA ILE A 476 8.62 -19.96 14.08
C ILE A 476 8.18 -20.30 15.51
N ASN A 477 7.13 -21.09 15.64
CA ASN A 477 6.72 -21.53 16.95
C ASN A 477 7.85 -22.32 17.62
N MET A 478 8.40 -23.30 16.89
CA MET A 478 9.50 -24.12 17.40
C MET A 478 10.71 -23.30 17.79
N VAL A 479 11.08 -22.30 16.98
CA VAL A 479 12.27 -21.50 17.22
C VAL A 479 12.06 -20.57 18.40
N PHE A 480 10.86 -20.02 18.51
CA PHE A 480 10.47 -19.27 19.69
C PHE A 480 10.64 -20.06 20.98
N GLN A 481 10.27 -21.34 20.97
CA GLN A 481 10.27 -22.13 22.20
C GLN A 481 11.66 -22.66 22.53
N MET A 482 12.43 -23.01 21.49
CA MET A 482 13.68 -23.75 21.66
C MET A 482 14.96 -23.07 21.17
N GLY A 483 14.81 -22.07 20.30
CA GLY A 483 15.95 -21.39 19.72
C GLY A 483 16.39 -21.92 18.37
N GLU A 484 17.06 -21.04 17.65
CA GLU A 484 17.66 -21.31 16.35
C GLU A 484 18.39 -22.66 16.36
N THR A 485 19.38 -22.80 17.22
CA THR A 485 20.27 -23.97 17.18
C THR A 485 19.62 -25.24 17.77
N GLY A 486 18.61 -25.04 18.62
CA GLY A 486 17.74 -26.10 19.06
C GLY A 486 16.96 -26.75 17.95
N VAL A 487 16.29 -25.94 17.14
CA VAL A 487 15.46 -26.47 16.07
C VAL A 487 16.34 -27.05 14.99
N ALA A 488 17.52 -26.48 14.83
CA ALA A 488 18.49 -26.93 13.83
C ALA A 488 18.92 -28.37 13.98
N GLY A 489 18.81 -28.92 15.18
CA GLY A 489 19.16 -30.31 15.46
C GLY A 489 18.19 -31.34 14.92
N PHE A 490 16.97 -30.91 14.59
CA PHE A 490 15.95 -31.77 14.00
C PHE A 490 16.26 -32.03 12.52
N THR A 491 17.45 -32.53 12.24
CA THR A 491 17.95 -32.56 10.89
C THR A 491 17.05 -33.32 9.92
N ASN A 492 16.58 -34.48 10.30
CA ASN A 492 15.77 -35.32 9.40
C ASN A 492 14.33 -34.86 9.25
N SER A 493 13.73 -34.37 10.33
CA SER A 493 12.36 -33.89 10.24
C SER A 493 12.31 -32.63 9.37
N LEU A 494 13.40 -31.88 9.32
CA LEU A 494 13.46 -30.63 8.56
C LEU A 494 13.59 -30.89 7.04
N ARG A 495 14.22 -31.99 6.66
CA ARG A 495 14.32 -32.36 5.25
C ARG A 495 13.01 -32.91 4.76
N MET A 496 12.30 -33.59 5.66
CA MET A 496 10.99 -34.13 5.35
C MET A 496 10.05 -32.96 5.06
N LEU A 497 10.03 -32.00 5.96
CA LEU A 497 9.28 -30.76 5.77
C LEU A 497 9.63 -30.01 4.47
N ASN A 498 10.92 -29.95 4.18
CA ASN A 498 11.45 -29.29 3.01
C ASN A 498 11.04 -30.04 1.72
N ASN A 499 10.81 -31.36 1.83
CA ASN A 499 10.35 -32.21 0.72
C ASN A 499 8.87 -32.56 0.77
N LYS A 500 8.12 -31.91 1.64
CA LYS A 500 6.66 -32.04 1.72
C LYS A 500 6.13 -33.40 2.22
N ARG A 501 6.98 -34.15 2.91
CA ARG A 501 6.58 -35.43 3.50
C ARG A 501 6.00 -35.15 4.88
N TRP A 502 4.75 -34.72 4.88
CA TRP A 502 4.15 -34.10 6.06
C TRP A 502 3.89 -35.14 7.12
N ASP A 503 3.47 -36.32 6.68
CA ASP A 503 3.14 -37.42 7.56
C ASP A 503 4.38 -38.05 8.17
N GLU A 504 5.42 -38.24 7.37
CA GLU A 504 6.69 -38.74 7.88
C GLU A 504 7.26 -37.82 8.96
N ALA A 505 7.33 -36.53 8.63
CA ALA A 505 7.83 -35.51 9.55
C ALA A 505 7.12 -35.58 10.89
N ALA A 506 5.79 -35.65 10.83
CA ALA A 506 4.92 -35.68 11.98
C ALA A 506 5.17 -36.90 12.86
N VAL A 507 5.22 -38.07 12.24
CA VAL A 507 5.59 -39.29 12.95
C VAL A 507 6.95 -39.16 13.62
N ASN A 508 7.90 -38.55 12.93
CA ASN A 508 9.26 -38.39 13.46
C ASN A 508 9.39 -37.32 14.54
N LEU A 509 8.64 -36.23 14.40
CA LEU A 509 8.65 -35.19 15.41
C LEU A 509 8.07 -35.71 16.71
N ALA A 510 7.14 -36.64 16.62
CA ALA A 510 6.47 -37.19 17.78
C ALA A 510 7.38 -38.08 18.61
N LYS A 511 8.59 -38.30 18.15
CA LYS A 511 9.50 -39.18 18.84
C LYS A 511 10.50 -38.45 19.69
N SER A 512 10.38 -37.15 19.72
CA SER A 512 11.41 -36.30 20.27
C SER A 512 11.28 -36.01 21.76
N ARG A 513 12.37 -35.57 22.36
CA ARG A 513 12.35 -35.01 23.70
C ARG A 513 11.40 -33.84 23.82
N TRP A 514 11.31 -33.03 22.78
CA TRP A 514 10.43 -31.88 22.76
C TRP A 514 8.97 -32.27 22.93
N TYR A 515 8.60 -33.36 22.30
CA TYR A 515 7.28 -33.89 22.41
C TYR A 515 6.96 -34.44 23.84
N ASN A 516 7.92 -35.04 24.52
CA ASN A 516 7.66 -35.50 25.89
C ASN A 516 7.54 -34.34 26.87
N GLN A 517 8.37 -33.33 26.70
CA GLN A 517 8.43 -32.22 27.63
C GLN A 517 7.15 -31.45 27.61
N THR A 518 6.61 -31.19 26.42
CA THR A 518 5.38 -30.42 26.30
C THR A 518 4.48 -30.98 25.21
N PRO A 519 3.68 -32.01 25.53
CA PRO A 519 2.98 -32.75 24.50
C PRO A 519 1.74 -32.11 23.82
N ASN A 520 1.01 -31.26 24.51
CA ASN A 520 -0.15 -30.65 23.87
C ASN A 520 0.33 -29.67 22.81
N ARG A 521 1.26 -28.82 23.19
CA ARG A 521 1.78 -27.77 22.33
C ARG A 521 2.44 -28.39 21.15
N ALA A 522 3.25 -29.39 21.42
CA ALA A 522 3.96 -30.10 20.36
C ALA A 522 2.97 -30.66 19.36
N LYS A 523 1.94 -31.34 19.85
CA LYS A 523 1.00 -31.94 18.94
C LYS A 523 0.23 -30.93 18.09
N ARG A 524 -0.02 -29.75 18.65
CA ARG A 524 -0.72 -28.72 17.90
C ARG A 524 0.15 -28.27 16.72
N VAL A 525 1.41 -27.96 17.00
CA VAL A 525 2.39 -27.68 15.95
C VAL A 525 2.57 -28.83 14.96
N ILE A 526 2.73 -30.04 15.47
CA ILE A 526 2.79 -31.17 14.59
C ILE A 526 1.59 -31.22 13.66
N THR A 527 0.38 -31.07 14.20
CA THR A 527 -0.87 -31.06 13.42
C THR A 527 -0.89 -29.96 12.39
N THR A 528 -0.48 -28.76 12.78
CA THR A 528 -0.32 -27.70 11.84
C THR A 528 0.64 -28.06 10.69
N PHE A 529 1.76 -28.73 11.00
CA PHE A 529 2.73 -29.12 9.95
C PHE A 529 2.07 -30.08 8.99
N ARG A 530 1.36 -31.08 9.48
CA ARG A 530 0.86 -32.08 8.55
C ARG A 530 -0.36 -31.67 7.73
N THR A 531 -1.10 -30.66 8.19
CA THR A 531 -2.32 -30.23 7.52
C THR A 531 -2.21 -28.87 6.81
N GLY A 532 -1.41 -27.95 7.34
CA GLY A 532 -1.41 -26.56 6.89
C GLY A 532 -2.70 -25.82 7.23
N THR A 533 -3.57 -26.45 8.04
CA THR A 533 -4.85 -25.87 8.44
C THR A 533 -4.73 -25.26 9.82
N TRP A 534 -5.80 -24.63 10.28
CA TRP A 534 -5.89 -24.14 11.65
C TRP A 534 -6.55 -25.14 12.62
N ASP A 535 -6.66 -26.40 12.19
CA ASP A 535 -7.38 -27.46 12.92
C ASP A 535 -7.06 -27.53 14.42
N ALA A 536 -5.81 -27.30 14.79
CA ALA A 536 -5.36 -27.49 16.15
C ALA A 536 -5.68 -26.28 17.05
N TYR A 537 -6.08 -25.17 16.45
CA TYR A 537 -6.20 -23.90 17.18
C TYR A 537 -7.62 -23.34 17.21
N GLY A 538 -8.57 -24.20 17.53
CA GLY A 538 -9.92 -23.74 17.89
C GLY A 538 -9.97 -22.81 19.09
N SER A 539 -9.01 -22.95 20.03
CA SER A 539 -8.93 -22.05 21.19
C SER A 539 -8.68 -20.59 20.85
N GLY A 540 -8.04 -20.29 19.74
CA GLY A 540 -7.75 -18.93 19.41
C GLY A 540 -8.89 -17.97 19.39
N SER A 541 -8.66 -16.74 19.80
CA SER A 541 -9.60 -15.66 19.66
C SER A 541 -9.17 -14.75 18.54
N ARG B 1 -7.72 14.42 -39.99
CA ARG B 1 -8.60 14.72 -38.83
C ARG B 1 -8.35 13.75 -37.68
N ARG B 2 -7.47 14.16 -36.77
CA ARG B 2 -7.15 13.40 -35.56
C ARG B 2 -7.56 14.20 -34.33
N PRO B 3 -7.65 13.56 -33.15
CA PRO B 3 -8.06 14.34 -31.97
C PRO B 3 -7.03 15.37 -31.53
N TYR B 4 -7.54 16.48 -31.03
CA TYR B 4 -6.67 17.55 -30.49
C TYR B 4 -6.61 17.51 -28.93
N ILE B 5 -7.65 16.99 -28.30
CA ILE B 5 -7.73 16.85 -26.83
C ILE B 5 -6.89 15.69 -26.30
N LEU B 6 -5.80 16.03 -25.60
CA LEU B 6 -4.94 15.06 -24.91
C LEU B 6 -5.39 14.90 -23.45
#